data_9DU0
#
_entry.id   9DU0
#
_cell.length_a   64.558
_cell.length_b   64.558
_cell.length_c   89.083
_cell.angle_alpha   90.000
_cell.angle_beta   90.000
_cell.angle_gamma   120.000
#
_symmetry.space_group_name_H-M   'P 31'
#
loop_
_entity.id
_entity.type
_entity.pdbx_description
1 polymer 'Isoform Short of Probable global transcription activator SNF2L2'
2 non-polymer "(2P)-2-[(6aS,11R)-6,6a,7,8,9,10-hexahydro-5H-pyrazino[1',2':4,5]pyrazino[2,3-c]pyridazin-2-yl]phenol"
3 non-polymer 'ZINC ION'
4 water water
#
_entity_poly.entity_id   1
_entity_poly.type   'polypeptide(L)'
_entity_poly.pdbx_seq_one_letter_code
;SAEKLSPNPPKLTKQMNAIIDTVINYKDSSGRQLSEVFIQLPSRKELPEYYELIRKPVDFKKIKERIRNHKYRSLGDLEK
DVMLLCHNAQTFNLEGSQIYEDSIVLQSVFKSARQKIAKE
;
_entity_poly.pdbx_strand_id   A,B,C
#
# COMPACT_ATOMS: atom_id res chain seq x y z
N LEU A 5 26.95 32.11 6.25
CA LEU A 5 28.24 31.77 5.59
C LEU A 5 27.97 30.90 4.36
N SER A 6 27.41 31.53 3.32
CA SER A 6 27.29 31.05 1.91
C SER A 6 25.84 30.67 1.56
N PRO A 7 25.43 30.76 0.28
CA PRO A 7 24.09 30.45 -0.15
C PRO A 7 24.06 29.04 -0.74
N ASN A 8 22.89 28.62 -1.21
CA ASN A 8 22.55 27.20 -1.51
C ASN A 8 22.70 26.94 -3.01
N PRO A 9 23.63 26.07 -3.44
CA PRO A 9 23.80 25.75 -4.84
C PRO A 9 22.48 25.33 -5.48
N PRO A 10 22.27 25.63 -6.78
CA PRO A 10 21.06 25.20 -7.47
C PRO A 10 20.97 23.67 -7.50
N LYS A 11 22.10 22.97 -7.39
CA LYS A 11 22.14 21.49 -7.32
C LYS A 11 21.25 21.07 -6.16
N LEU A 12 21.51 21.64 -4.98
CA LEU A 12 20.72 21.38 -3.75
C LEU A 12 19.27 21.82 -3.97
N THR A 13 19.05 23.12 -4.18
CA THR A 13 17.70 23.72 -4.26
C THR A 13 16.83 22.84 -5.16
N LYS A 14 17.36 22.36 -6.29
CA LYS A 14 16.59 21.58 -7.30
C LYS A 14 16.26 20.19 -6.74
N GLN A 15 17.09 19.67 -5.83
CA GLN A 15 16.77 18.42 -5.07
C GLN A 15 15.53 18.70 -4.22
N MET A 16 15.72 19.49 -3.17
CA MET A 16 14.63 19.90 -2.24
C MET A 16 13.30 19.93 -2.99
N ASN A 17 13.26 20.50 -4.20
CA ASN A 17 12.02 20.59 -5.01
C ASN A 17 11.66 19.25 -5.63
N ALA A 18 12.63 18.47 -6.10
CA ALA A 18 12.38 17.14 -6.71
C ALA A 18 11.75 16.23 -5.64
N ILE A 19 12.50 16.07 -4.54
CA ILE A 19 12.16 15.25 -3.35
C ILE A 19 10.73 15.58 -2.93
N ILE A 20 10.48 16.87 -2.70
CA ILE A 20 9.19 17.39 -2.19
C ILE A 20 8.11 17.11 -3.23
N ASP A 21 8.46 17.20 -4.52
CA ASP A 21 7.49 17.07 -5.64
C ASP A 21 7.14 15.59 -5.82
N THR A 22 8.12 14.69 -5.81
CA THR A 22 7.88 13.23 -5.63
C THR A 22 6.79 13.05 -4.56
N VAL A 23 7.10 13.49 -3.33
CA VAL A 23 6.18 13.45 -2.17
C VAL A 23 4.80 13.93 -2.61
N ILE A 24 4.65 15.23 -2.84
CA ILE A 24 3.34 15.87 -3.15
C ILE A 24 2.65 15.07 -4.26
N ASN A 25 3.39 14.75 -5.31
CA ASN A 25 2.84 14.10 -6.54
C ASN A 25 2.26 12.74 -6.18
N TYR A 26 2.89 12.02 -5.25
CA TYR A 26 2.57 10.60 -4.88
C TYR A 26 1.07 10.35 -4.76
N LYS A 27 0.61 9.30 -5.45
CA LYS A 27 -0.72 8.64 -5.33
C LYS A 27 -0.52 7.21 -4.80
N ASP A 28 -1.50 6.70 -4.05
CA ASP A 28 -1.53 5.34 -3.46
C ASP A 28 -2.10 4.34 -4.46
N SER A 29 -1.63 3.08 -4.41
CA SER A 29 -2.16 1.92 -5.19
C SER A 29 -3.44 2.32 -5.93
N SER A 30 -4.49 2.66 -5.18
CA SER A 30 -5.83 3.06 -5.69
C SER A 30 -5.66 4.06 -6.83
N GLY A 31 -4.66 4.95 -6.70
CA GLY A 31 -4.58 6.21 -7.45
C GLY A 31 -5.26 7.31 -6.67
N ARG A 32 -4.64 7.70 -5.55
CA ARG A 32 -5.19 8.69 -4.58
C ARG A 32 -4.05 9.54 -4.01
N GLN A 33 -3.95 10.80 -4.43
CA GLN A 33 -2.90 11.75 -4.00
C GLN A 33 -3.11 12.09 -2.52
N LEU A 34 -2.23 11.54 -1.68
CA LEU A 34 -2.30 11.62 -0.20
C LEU A 34 -2.03 13.07 0.21
N SER A 35 -1.08 13.71 -0.47
CA SER A 35 -0.66 15.11 -0.24
C SER A 35 -1.90 16.02 -0.07
N GLU A 36 -2.92 15.82 -0.90
CA GLU A 36 -4.09 16.71 -1.09
C GLU A 36 -4.32 17.63 0.12
N VAL A 37 -4.66 17.08 1.29
CA VAL A 37 -5.20 17.87 2.44
C VAL A 37 -4.10 18.65 3.14
N PHE A 38 -2.85 18.24 2.99
CA PHE A 38 -1.68 18.83 3.69
C PHE A 38 -1.17 20.09 2.97
N ILE A 39 -1.43 20.19 1.67
CA ILE A 39 -0.94 21.27 0.76
C ILE A 39 -1.19 22.62 1.42
N GLN A 40 -2.40 22.84 1.91
CA GLN A 40 -2.78 24.10 2.58
C GLN A 40 -3.45 23.73 3.90
N LEU A 41 -2.98 24.31 5.01
CA LEU A 41 -3.64 24.23 6.34
C LEU A 41 -5.08 24.72 6.21
N PRO A 42 -5.94 24.39 7.19
CA PRO A 42 -7.30 24.94 7.24
C PRO A 42 -7.23 26.39 7.77
N SER A 43 -8.30 27.17 7.59
CA SER A 43 -8.39 28.50 8.20
C SER A 43 -8.36 28.33 9.72
N ARG A 44 -7.80 29.32 10.42
CA ARG A 44 -7.94 29.55 11.89
C ARG A 44 -9.43 29.52 12.24
N LYS A 45 -10.24 30.32 11.53
CA LYS A 45 -11.70 30.48 11.79
C LYS A 45 -12.42 29.13 11.61
N GLU A 46 -11.85 28.20 10.85
CA GLU A 46 -12.47 26.89 10.47
C GLU A 46 -12.06 25.76 11.44
N LEU A 47 -10.84 25.80 11.99
CA LEU A 47 -10.34 24.75 12.93
C LEU A 47 -9.58 25.43 14.07
N PRO A 48 -10.24 26.32 14.84
CA PRO A 48 -9.54 27.14 15.83
C PRO A 48 -8.64 26.16 16.58
N GLU A 49 -9.30 25.09 17.03
CA GLU A 49 -8.70 23.85 17.58
C GLU A 49 -7.25 23.74 17.10
N TYR A 50 -7.04 23.32 15.85
CA TYR A 50 -5.71 22.91 15.35
C TYR A 50 -4.64 23.84 15.89
N TYR A 51 -4.94 25.14 15.93
CA TYR A 51 -3.96 26.20 16.28
C TYR A 51 -3.75 26.21 17.81
N GLU A 52 -4.79 25.95 18.59
CA GLU A 52 -4.64 25.81 20.06
C GLU A 52 -3.65 24.65 20.32
N LEU A 53 -3.84 23.52 19.63
CA LEU A 53 -3.18 22.24 19.95
C LEU A 53 -1.78 22.20 19.33
N ILE A 54 -1.65 22.57 18.06
CA ILE A 54 -0.37 22.44 17.29
C ILE A 54 0.51 23.66 17.51
N ARG A 55 1.71 23.42 18.05
CA ARG A 55 2.63 24.44 18.60
C ARG A 55 3.18 25.30 17.47
N LYS A 56 3.79 24.66 16.46
CA LYS A 56 4.41 25.32 15.29
C LYS A 56 3.78 24.78 14.00
N PRO A 57 2.58 25.25 13.59
CA PRO A 57 1.88 24.67 12.42
C PRO A 57 2.64 24.88 11.10
N VAL A 58 2.58 23.90 10.21
CA VAL A 58 3.24 23.92 8.88
C VAL A 58 2.46 23.01 7.91
N ASP A 59 2.29 23.44 6.67
CA ASP A 59 1.76 22.64 5.52
C ASP A 59 2.80 22.67 4.40
N PHE A 60 2.46 22.16 3.21
CA PHE A 60 3.41 21.98 2.07
C PHE A 60 3.72 23.31 1.40
N LYS A 61 2.73 24.15 1.11
CA LYS A 61 2.98 25.46 0.47
C LYS A 61 4.19 26.10 1.12
N LYS A 62 4.20 26.20 2.44
CA LYS A 62 5.19 26.99 3.22
C LYS A 62 6.59 26.37 3.10
N ILE A 63 6.65 25.05 3.02
CA ILE A 63 7.93 24.32 2.80
C ILE A 63 8.47 24.76 1.43
N LYS A 64 7.67 24.62 0.38
CA LYS A 64 8.00 25.14 -0.98
C LYS A 64 8.53 26.57 -0.81
N GLU A 65 7.69 27.45 -0.27
CA GLU A 65 8.04 28.87 0.05
C GLU A 65 9.36 28.92 0.82
N ARG A 66 9.68 27.92 1.63
CA ARG A 66 10.90 27.93 2.45
C ARG A 66 12.10 27.35 1.68
N ILE A 67 11.84 26.61 0.60
CA ILE A 67 12.90 26.19 -0.37
C ILE A 67 13.20 27.39 -1.28
N ARG A 68 12.13 28.04 -1.77
CA ARG A 68 12.18 29.22 -2.67
C ARG A 68 12.96 30.36 -2.02
N ASN A 69 12.68 30.65 -0.75
CA ASN A 69 13.39 31.73 -0.01
C ASN A 69 14.64 31.16 0.66
N HIS A 70 15.29 30.17 0.03
CA HIS A 70 16.61 29.61 0.44
C HIS A 70 16.71 29.65 1.98
N LYS A 71 15.68 29.14 2.66
CA LYS A 71 15.52 29.19 4.15
C LYS A 71 15.98 27.87 4.78
N TYR A 72 15.86 26.76 4.05
CA TYR A 72 16.43 25.44 4.44
C TYR A 72 17.92 25.46 4.07
N ARG A 73 18.82 25.09 5.00
CA ARG A 73 20.29 25.15 4.80
C ARG A 73 20.80 23.77 4.34
N SER A 74 20.44 22.69 5.03
CA SER A 74 20.74 21.29 4.63
C SER A 74 19.47 20.62 4.11
N LEU A 75 19.55 19.34 3.76
CA LEU A 75 18.36 18.48 3.54
C LEU A 75 17.74 18.15 4.90
N GLY A 76 18.57 18.05 5.94
CA GLY A 76 18.12 17.97 7.33
C GLY A 76 17.09 19.05 7.62
N ASP A 77 17.53 20.31 7.55
CA ASP A 77 16.67 21.51 7.70
C ASP A 77 15.30 21.24 7.07
N LEU A 78 15.30 20.63 5.88
CA LEU A 78 14.06 20.25 5.15
C LEU A 78 13.32 19.14 5.90
N GLU A 79 13.88 17.92 5.89
CA GLU A 79 13.24 16.74 6.51
C GLU A 79 12.74 17.13 7.89
N LYS A 80 13.56 17.81 8.69
CA LYS A 80 13.16 18.42 9.98
C LYS A 80 11.74 18.99 9.82
N ASP A 81 11.53 19.90 8.88
CA ASP A 81 10.23 20.58 8.67
C ASP A 81 9.20 19.56 8.15
N VAL A 82 9.60 18.69 7.23
CA VAL A 82 8.67 17.74 6.55
C VAL A 82 8.06 16.82 7.61
N MET A 83 8.87 16.38 8.56
CA MET A 83 8.43 15.49 9.66
C MET A 83 7.60 16.31 10.65
N LEU A 84 7.95 17.57 10.86
CA LEU A 84 7.16 18.46 11.74
C LEU A 84 5.72 18.48 11.22
N LEU A 85 5.56 18.32 9.91
CA LEU A 85 4.22 18.30 9.26
C LEU A 85 3.41 17.08 9.75
N CYS A 86 4.03 15.90 9.67
CA CYS A 86 3.40 14.58 9.96
C CYS A 86 3.19 14.41 11.47
N HIS A 87 4.21 14.78 12.28
CA HIS A 87 4.07 14.84 13.75
C HIS A 87 2.76 15.55 14.07
N ASN A 88 2.60 16.77 13.54
CA ASN A 88 1.45 17.67 13.83
C ASN A 88 0.15 16.95 13.41
N ALA A 89 0.14 16.30 12.25
CA ALA A 89 -1.05 15.55 11.76
C ALA A 89 -1.38 14.44 12.75
N GLN A 90 -0.36 13.69 13.15
CA GLN A 90 -0.48 12.53 14.05
C GLN A 90 -0.72 13.00 15.49
N THR A 91 -0.26 14.21 15.87
CA THR A 91 -0.50 14.82 17.20
C THR A 91 -1.99 15.14 17.32
N PHE A 92 -2.56 15.72 16.26
CA PHE A 92 -3.92 16.29 16.24
C PHE A 92 -4.91 15.17 15.94
N ASN A 93 -4.65 14.44 14.85
CA ASN A 93 -5.56 13.41 14.31
C ASN A 93 -5.38 12.10 15.09
N LEU A 94 -6.48 11.36 15.27
CA LEU A 94 -6.54 10.16 16.16
C LEU A 94 -5.94 8.99 15.40
N GLU A 95 -5.34 8.05 16.13
CA GLU A 95 -4.62 6.88 15.55
C GLU A 95 -5.60 6.10 14.65
N GLY A 96 -5.13 5.65 13.49
CA GLY A 96 -5.98 4.89 12.54
C GLY A 96 -6.90 5.79 11.74
N SER A 97 -7.13 7.04 12.16
CA SER A 97 -7.93 8.04 11.41
C SER A 97 -7.23 8.34 10.08
N GLN A 98 -7.88 8.03 8.95
CA GLN A 98 -7.29 8.03 7.58
C GLN A 98 -6.10 9.00 7.54
N ILE A 99 -6.35 10.31 7.62
CA ILE A 99 -5.34 11.40 7.65
C ILE A 99 -4.06 10.90 8.35
N TYR A 100 -4.14 10.68 9.66
CA TYR A 100 -3.07 10.07 10.50
C TYR A 100 -2.26 9.10 9.61
N GLU A 101 -2.87 7.97 9.25
CA GLU A 101 -2.22 6.84 8.53
C GLU A 101 -1.44 7.40 7.34
N ASP A 102 -2.10 8.25 6.53
CA ASP A 102 -1.52 8.88 5.31
C ASP A 102 -0.18 9.52 5.68
N SER A 103 -0.22 10.47 6.63
CA SER A 103 0.95 11.26 7.09
C SER A 103 2.15 10.32 7.24
N ILE A 104 1.94 9.22 7.95
CA ILE A 104 3.00 8.18 8.15
C ILE A 104 3.49 7.75 6.77
N VAL A 105 2.58 7.37 5.88
CA VAL A 105 2.96 6.90 4.53
C VAL A 105 3.94 7.94 3.96
N LEU A 106 3.50 9.19 3.88
CA LEU A 106 4.31 10.28 3.29
C LEU A 106 5.70 10.26 3.94
N GLN A 107 5.79 10.29 5.27
CA GLN A 107 7.11 10.27 5.97
C GLN A 107 8.05 9.32 5.22
N SER A 108 7.55 8.16 4.81
CA SER A 108 8.34 7.11 4.12
C SER A 108 8.76 7.59 2.74
N VAL A 109 7.78 7.95 1.90
CA VAL A 109 8.02 8.42 0.50
C VAL A 109 9.16 9.43 0.55
N PHE A 110 8.98 10.51 1.33
CA PHE A 110 10.01 11.56 1.51
C PHE A 110 11.36 10.89 1.70
N LYS A 111 11.45 9.98 2.66
CA LYS A 111 12.73 9.35 3.08
C LYS A 111 13.31 8.51 1.93
N SER A 112 12.44 7.92 1.10
CA SER A 112 12.83 7.03 -0.03
C SER A 112 13.25 7.91 -1.21
N ALA A 113 12.61 9.07 -1.36
CA ALA A 113 13.03 10.13 -2.30
C ALA A 113 14.44 10.57 -1.91
N ARG A 114 14.63 11.03 -0.67
CA ARG A 114 15.93 11.57 -0.17
C ARG A 114 17.00 10.48 -0.20
N GLN A 115 16.71 9.27 0.30
CA GLN A 115 17.70 8.17 0.38
C GLN A 115 18.10 7.78 -1.05
N LYS A 116 17.18 7.97 -2.01
CA LYS A 116 17.43 7.76 -3.47
C LYS A 116 18.54 8.72 -3.94
N ILE A 117 18.43 10.01 -3.63
CA ILE A 117 19.28 11.11 -4.22
C ILE A 117 20.62 11.25 -3.46
N ALA A 118 20.69 10.85 -2.18
CA ALA A 118 21.94 10.72 -1.40
C ALA A 118 22.84 9.65 -2.03
N LYS A 119 22.36 9.01 -3.11
CA LYS A 119 23.11 8.06 -3.98
C LYS A 119 23.19 8.65 -5.39
N LEU B 5 14.52 -13.88 -27.26
CA LEU B 5 15.20 -13.45 -26.00
C LEU B 5 15.71 -11.99 -26.15
N SER B 6 15.04 -11.18 -26.98
CA SER B 6 15.49 -9.83 -27.43
C SER B 6 14.77 -8.74 -26.63
N PRO B 7 15.12 -7.44 -26.81
CA PRO B 7 14.83 -6.39 -25.83
C PRO B 7 13.61 -6.61 -24.95
N ASN B 8 13.84 -6.88 -23.66
CA ASN B 8 12.84 -6.83 -22.57
C ASN B 8 11.88 -5.67 -22.81
N PRO B 9 10.61 -5.91 -23.22
CA PRO B 9 9.64 -4.82 -23.34
C PRO B 9 9.58 -3.94 -22.09
N PRO B 10 9.06 -2.71 -22.20
CA PRO B 10 8.96 -1.82 -21.05
C PRO B 10 7.81 -2.26 -20.13
N LYS B 11 6.72 -2.73 -20.73
CA LYS B 11 5.50 -3.27 -20.08
C LYS B 11 5.89 -4.34 -19.05
N LEU B 12 6.74 -5.29 -19.44
CA LEU B 12 7.19 -6.41 -18.58
C LEU B 12 8.04 -5.86 -17.43
N THR B 13 8.95 -4.94 -17.74
CA THR B 13 9.81 -4.26 -16.74
C THR B 13 8.91 -3.51 -15.74
N LYS B 14 7.91 -2.78 -16.25
CA LYS B 14 6.90 -2.01 -15.47
C LYS B 14 6.23 -2.91 -14.41
N GLN B 15 6.02 -4.18 -14.71
CA GLN B 15 5.40 -5.18 -13.78
C GLN B 15 6.44 -5.57 -12.71
N MET B 16 7.47 -6.33 -13.09
CA MET B 16 8.55 -6.82 -12.19
C MET B 16 8.74 -5.84 -11.02
N ASN B 17 8.90 -4.56 -11.33
CA ASN B 17 9.14 -3.47 -10.34
C ASN B 17 7.96 -3.46 -9.37
N ALA B 18 6.80 -2.94 -9.78
CA ALA B 18 5.60 -2.76 -8.93
C ALA B 18 5.41 -4.02 -8.06
N ILE B 19 5.53 -5.20 -8.66
CA ILE B 19 5.52 -6.50 -7.93
C ILE B 19 6.51 -6.37 -6.78
N ILE B 20 7.81 -6.22 -7.10
CA ILE B 20 8.91 -6.21 -6.11
C ILE B 20 8.76 -4.99 -5.20
N ASP B 21 8.05 -3.95 -5.66
CA ASP B 21 7.69 -2.76 -4.85
C ASP B 21 6.62 -3.18 -3.83
N THR B 22 5.49 -3.68 -4.33
CA THR B 22 4.35 -4.20 -3.53
C THR B 22 4.93 -4.96 -2.33
N VAL B 23 5.88 -5.84 -2.64
CA VAL B 23 6.65 -6.68 -1.69
C VAL B 23 7.44 -5.77 -0.74
N ILE B 24 8.54 -5.22 -1.23
CA ILE B 24 9.48 -4.41 -0.41
C ILE B 24 8.68 -3.55 0.56
N ASN B 25 7.72 -2.80 0.03
CA ASN B 25 7.05 -1.71 0.79
C ASN B 25 6.00 -2.28 1.74
N TYR B 26 5.66 -3.57 1.66
CA TYR B 26 4.63 -4.17 2.56
C TYR B 26 4.99 -3.95 4.02
N LYS B 27 4.03 -3.37 4.74
CA LYS B 27 4.04 -3.07 6.19
C LYS B 27 2.87 -3.83 6.81
N ASP B 28 3.11 -4.55 7.90
CA ASP B 28 2.15 -5.54 8.47
C ASP B 28 1.05 -4.79 9.22
N SER B 29 0.30 -5.49 10.09
CA SER B 29 -0.82 -4.91 10.88
C SER B 29 -0.26 -3.85 11.82
N SER B 30 0.79 -4.18 12.59
CA SER B 30 1.50 -3.23 13.49
C SER B 30 2.17 -2.14 12.65
N GLY B 31 2.47 -2.43 11.38
CA GLY B 31 2.95 -1.46 10.38
C GLY B 31 4.44 -1.63 10.05
N ARG B 32 5.08 -2.68 10.55
CA ARG B 32 6.54 -2.91 10.37
C ARG B 32 6.79 -3.35 8.92
N GLN B 33 7.64 -2.62 8.20
CA GLN B 33 7.99 -2.90 6.78
C GLN B 33 8.95 -4.09 6.78
N LEU B 34 8.46 -5.27 6.38
CA LEU B 34 9.08 -6.58 6.71
C LEU B 34 10.41 -6.72 5.96
N SER B 35 10.53 -6.02 4.84
CA SER B 35 11.64 -6.11 3.85
C SER B 35 12.97 -5.72 4.50
N GLU B 36 12.93 -4.83 5.49
CA GLU B 36 14.11 -4.16 6.11
C GLU B 36 15.37 -5.03 6.02
N VAL B 37 15.34 -6.24 6.59
CA VAL B 37 16.56 -7.06 6.82
C VAL B 37 16.92 -7.90 5.59
N PHE B 38 16.13 -7.83 4.52
CA PHE B 38 16.34 -8.59 3.27
C PHE B 38 16.98 -7.72 2.19
N ILE B 39 16.74 -6.40 2.22
CA ILE B 39 17.33 -5.42 1.26
C ILE B 39 18.81 -5.74 1.10
N GLN B 40 19.61 -5.42 2.13
CA GLN B 40 21.08 -5.65 2.16
C GLN B 40 21.34 -6.92 2.97
N LEU B 41 22.12 -7.85 2.41
CA LEU B 41 22.68 -8.99 3.18
C LEU B 41 23.60 -8.42 4.26
N PRO B 42 24.03 -9.22 5.25
CA PRO B 42 25.14 -8.85 6.12
C PRO B 42 26.45 -9.33 5.48
N SER B 43 27.58 -8.86 6.01
CA SER B 43 28.93 -9.04 5.41
C SER B 43 29.43 -10.46 5.67
N ARG B 44 30.26 -10.97 4.77
CA ARG B 44 31.07 -12.20 4.98
C ARG B 44 31.84 -12.04 6.29
N LYS B 45 32.38 -10.85 6.54
CA LYS B 45 33.24 -10.57 7.71
C LYS B 45 32.38 -10.19 8.92
N GLU B 46 31.05 -10.11 8.74
CA GLU B 46 30.07 -9.92 9.84
C GLU B 46 29.48 -11.29 10.23
N LEU B 47 28.82 -11.93 9.26
CA LEU B 47 28.09 -13.22 9.44
C LEU B 47 28.65 -14.25 8.46
N PRO B 48 29.87 -14.77 8.72
CA PRO B 48 30.48 -15.77 7.83
C PRO B 48 29.65 -17.06 7.76
N GLU B 49 28.96 -17.39 8.84
CA GLU B 49 28.13 -18.62 8.97
C GLU B 49 27.17 -18.67 7.78
N TYR B 50 26.44 -17.58 7.49
CA TYR B 50 25.40 -17.52 6.42
C TYR B 50 25.99 -18.09 5.13
N TYR B 51 27.18 -17.60 4.73
CA TYR B 51 27.83 -17.91 3.43
C TYR B 51 28.51 -19.29 3.51
N GLU B 52 28.63 -19.88 4.71
CA GLU B 52 29.07 -21.29 4.90
C GLU B 52 27.92 -22.22 4.52
N LEU B 53 26.71 -21.91 5.00
CA LEU B 53 25.53 -22.82 4.96
C LEU B 53 24.71 -22.56 3.69
N ILE B 54 24.59 -21.29 3.28
CA ILE B 54 23.84 -20.88 2.06
C ILE B 54 24.82 -20.87 0.87
N ARG B 55 24.69 -21.84 -0.03
CA ARG B 55 25.61 -22.01 -1.20
C ARG B 55 25.34 -20.90 -2.22
N LYS B 56 24.07 -20.58 -2.50
CA LYS B 56 23.66 -19.56 -3.48
C LYS B 56 22.90 -18.43 -2.78
N PRO B 57 23.60 -17.52 -2.07
CA PRO B 57 22.96 -16.43 -1.34
C PRO B 57 22.22 -15.46 -2.28
N VAL B 58 21.54 -14.46 -1.71
CA VAL B 58 20.85 -13.38 -2.47
C VAL B 58 20.24 -12.41 -1.45
N ASP B 59 20.01 -11.17 -1.87
CA ASP B 59 19.17 -10.17 -1.16
C ASP B 59 18.33 -9.44 -2.21
N PHE B 60 17.55 -8.43 -1.80
CA PHE B 60 16.60 -7.72 -2.70
C PHE B 60 17.38 -6.83 -3.67
N LYS B 61 18.24 -5.96 -3.13
CA LYS B 61 19.13 -5.13 -3.98
C LYS B 61 19.48 -5.97 -5.21
N LYS B 62 20.19 -7.08 -5.01
CA LYS B 62 20.75 -7.89 -6.12
C LYS B 62 19.64 -8.43 -7.03
N ILE B 63 18.38 -8.41 -6.59
CA ILE B 63 17.24 -8.81 -7.46
C ILE B 63 16.83 -7.58 -8.28
N LYS B 64 16.65 -6.43 -7.61
CA LYS B 64 16.38 -5.10 -8.24
C LYS B 64 17.39 -4.82 -9.35
N GLU B 65 18.68 -5.00 -9.04
CA GLU B 65 19.81 -4.85 -9.99
C GLU B 65 19.53 -5.69 -11.24
N ARG B 66 19.12 -6.94 -11.05
CA ARG B 66 18.92 -7.92 -12.14
C ARG B 66 17.67 -7.59 -12.95
N ILE B 67 16.71 -6.88 -12.34
CA ILE B 67 15.55 -6.26 -13.05
C ILE B 67 16.12 -5.13 -13.90
N ARG B 68 16.78 -4.19 -13.21
CA ARG B 68 17.34 -2.94 -13.76
C ARG B 68 18.10 -3.23 -15.06
N ASN B 69 18.87 -4.32 -15.08
CA ASN B 69 19.76 -4.71 -16.21
C ASN B 69 19.16 -5.88 -17.01
N HIS B 70 17.83 -6.04 -16.99
CA HIS B 70 17.07 -6.98 -17.87
C HIS B 70 17.74 -8.36 -17.96
N LYS B 71 18.22 -8.89 -16.83
CA LYS B 71 18.71 -10.29 -16.74
C LYS B 71 17.48 -11.21 -16.81
N TYR B 72 16.47 -10.97 -15.95
CA TYR B 72 15.23 -11.78 -15.84
C TYR B 72 14.44 -11.69 -17.14
N ARG B 73 14.16 -12.84 -17.77
CA ARG B 73 13.46 -12.93 -19.08
C ARG B 73 11.95 -12.94 -18.86
N SER B 74 11.43 -13.81 -17.99
CA SER B 74 9.99 -13.89 -17.62
C SER B 74 9.82 -13.68 -16.11
N LEU B 75 8.59 -13.35 -15.70
CA LEU B 75 8.18 -13.19 -14.28
C LEU B 75 8.50 -14.45 -13.48
N GLY B 76 8.25 -15.62 -14.07
CA GLY B 76 8.77 -16.90 -13.55
C GLY B 76 10.17 -16.68 -13.00
N ASP B 77 11.10 -16.27 -13.88
CA ASP B 77 12.56 -16.20 -13.64
C ASP B 77 12.87 -15.28 -12.45
N LEU B 78 11.94 -14.39 -12.09
CA LEU B 78 12.06 -13.50 -10.90
C LEU B 78 11.61 -14.29 -9.66
N GLU B 79 10.37 -14.78 -9.69
CA GLU B 79 9.77 -15.57 -8.59
C GLU B 79 10.88 -16.43 -7.98
N LYS B 80 11.53 -17.23 -8.84
CA LYS B 80 12.64 -18.16 -8.48
C LYS B 80 13.63 -17.46 -7.54
N ASP B 81 14.10 -16.28 -7.90
CA ASP B 81 15.12 -15.54 -7.11
C ASP B 81 14.46 -15.01 -5.84
N VAL B 82 13.20 -14.59 -5.89
CA VAL B 82 12.49 -14.18 -4.66
C VAL B 82 12.26 -15.41 -3.78
N MET B 83 11.82 -16.51 -4.37
CA MET B 83 11.58 -17.79 -3.64
C MET B 83 12.88 -18.26 -3.01
N LEU B 84 13.98 -18.28 -3.77
CA LEU B 84 15.32 -18.68 -3.27
C LEU B 84 15.76 -17.76 -2.13
N LEU B 85 15.31 -16.50 -2.12
CA LEU B 85 15.63 -15.56 -1.03
C LEU B 85 15.03 -16.10 0.28
N CYS B 86 13.75 -16.49 0.23
CA CYS B 86 12.94 -16.94 1.39
C CYS B 86 13.44 -18.34 1.81
N HIS B 87 13.54 -19.27 0.87
CA HIS B 87 14.17 -20.60 1.08
C HIS B 87 15.44 -20.38 1.90
N ASN B 88 16.36 -19.57 1.39
CA ASN B 88 17.62 -19.20 2.09
C ASN B 88 17.27 -18.78 3.51
N ALA B 89 16.39 -17.79 3.64
CA ALA B 89 16.06 -17.13 4.94
C ALA B 89 15.61 -18.21 5.92
N GLN B 90 14.56 -18.93 5.53
CA GLN B 90 13.98 -20.07 6.29
C GLN B 90 15.10 -21.04 6.65
N THR B 91 15.91 -21.46 5.68
CA THR B 91 17.01 -22.43 5.88
C THR B 91 17.92 -21.93 7.03
N PHE B 92 18.19 -20.62 7.12
CA PHE B 92 19.20 -20.09 8.09
C PHE B 92 18.56 -19.85 9.45
N ASN B 93 17.27 -19.54 9.51
CA ASN B 93 16.62 -18.97 10.70
C ASN B 93 15.82 -20.08 11.42
N LEU B 94 15.63 -19.92 12.74
CA LEU B 94 14.82 -20.82 13.60
C LEU B 94 13.35 -20.60 13.27
N GLU B 95 12.66 -21.66 12.82
CA GLU B 95 11.19 -21.67 12.68
C GLU B 95 10.61 -20.92 13.88
N GLY B 96 9.67 -20.00 13.67
CA GLY B 96 8.99 -19.26 14.75
C GLY B 96 9.74 -18.00 15.15
N SER B 97 10.97 -17.81 14.66
CA SER B 97 11.77 -16.55 14.78
C SER B 97 11.30 -15.53 13.74
N GLN B 98 11.31 -14.25 14.13
CA GLN B 98 10.62 -13.15 13.40
C GLN B 98 11.17 -13.10 11.97
N ILE B 99 12.48 -13.27 11.80
CA ILE B 99 13.08 -13.35 10.45
C ILE B 99 12.38 -14.46 9.67
N TYR B 100 12.52 -15.70 10.13
CA TYR B 100 11.90 -16.91 9.52
C TYR B 100 10.46 -16.64 9.10
N GLU B 101 9.68 -16.02 9.99
CA GLU B 101 8.22 -15.77 9.85
C GLU B 101 7.95 -14.83 8.67
N ASP B 102 8.63 -13.67 8.64
CA ASP B 102 8.45 -12.62 7.59
C ASP B 102 8.55 -13.25 6.19
N SER B 103 9.69 -13.92 5.91
CA SER B 103 10.01 -14.56 4.61
C SER B 103 8.77 -15.23 4.03
N ILE B 104 8.12 -16.10 4.81
CA ILE B 104 6.81 -16.72 4.45
C ILE B 104 5.86 -15.62 3.97
N VAL B 105 5.43 -14.76 4.90
CA VAL B 105 4.43 -13.71 4.62
C VAL B 105 4.77 -13.09 3.28
N LEU B 106 6.00 -12.60 3.14
CA LEU B 106 6.48 -11.96 1.89
C LEU B 106 6.23 -12.91 0.73
N GLN B 107 6.79 -14.12 0.78
CA GLN B 107 6.54 -15.20 -0.22
C GLN B 107 5.12 -15.05 -0.78
N SER B 108 4.12 -14.99 0.09
CA SER B 108 2.67 -14.90 -0.27
C SER B 108 2.38 -13.59 -0.99
N VAL B 109 2.73 -12.47 -0.34
CA VAL B 109 2.55 -11.09 -0.87
C VAL B 109 2.89 -11.05 -2.36
N PHE B 110 4.11 -11.43 -2.71
CA PHE B 110 4.59 -11.58 -4.10
C PHE B 110 3.54 -12.33 -4.91
N LYS B 111 3.26 -13.58 -4.52
CA LYS B 111 2.40 -14.52 -5.28
C LYS B 111 1.05 -13.89 -5.57
N SER B 112 0.49 -13.13 -4.61
CA SER B 112 -0.78 -12.37 -4.75
C SER B 112 -0.52 -11.11 -5.59
N ALA B 113 0.62 -10.46 -5.34
CA ALA B 113 1.03 -9.23 -6.04
C ALA B 113 1.28 -9.54 -7.51
N ARG B 114 1.97 -10.64 -7.78
CA ARG B 114 2.24 -11.15 -9.15
C ARG B 114 0.92 -11.53 -9.79
N GLN B 115 0.12 -12.32 -9.08
CA GLN B 115 -1.26 -12.69 -9.48
C GLN B 115 -1.98 -11.40 -9.89
N LYS B 116 -2.04 -10.42 -8.98
CA LYS B 116 -2.88 -9.20 -9.11
C LYS B 116 -2.41 -8.33 -10.30
N ILE B 117 -1.22 -8.56 -10.84
CA ILE B 117 -0.65 -7.76 -11.98
C ILE B 117 -0.39 -8.65 -13.20
N ALA B 118 -0.22 -9.98 -13.01
CA ALA B 118 0.20 -10.93 -14.07
C ALA B 118 -0.98 -11.80 -14.50
N LYS B 119 -0.73 -12.97 -15.09
CA LYS B 119 -1.73 -13.79 -15.84
C LYS B 119 -2.41 -14.74 -14.86
N LEU C 5 -33.51 11.98 -12.64
CA LEU C 5 -33.80 13.44 -12.52
C LEU C 5 -32.58 14.24 -11.99
N SER C 6 -31.62 13.63 -11.28
CA SER C 6 -30.54 14.34 -10.55
C SER C 6 -29.23 13.56 -10.50
N PRO C 7 -28.10 14.17 -10.01
CA PRO C 7 -26.78 13.53 -9.99
C PRO C 7 -26.40 12.76 -8.72
N ASN C 8 -25.15 12.28 -8.62
CA ASN C 8 -24.60 11.57 -7.42
C ASN C 8 -23.46 12.39 -6.82
N PRO C 9 -23.68 13.00 -5.64
CA PRO C 9 -22.78 14.00 -5.03
C PRO C 9 -21.70 13.52 -4.05
N PRO C 10 -20.96 14.42 -3.36
CA PRO C 10 -19.86 14.06 -2.45
C PRO C 10 -20.13 13.06 -1.32
N LYS C 11 -21.29 13.18 -0.66
CA LYS C 11 -21.73 12.28 0.44
C LYS C 11 -21.80 10.86 -0.13
N LEU C 12 -22.58 10.69 -1.21
CA LEU C 12 -22.78 9.39 -1.92
C LEU C 12 -21.42 8.87 -2.43
N THR C 13 -20.49 9.74 -2.87
CA THR C 13 -19.14 9.32 -3.34
C THR C 13 -18.28 8.93 -2.12
N LYS C 14 -17.92 9.90 -1.27
CA LYS C 14 -17.03 9.72 -0.10
C LYS C 14 -17.53 8.54 0.75
N GLN C 15 -18.78 8.62 1.25
CA GLN C 15 -19.35 7.63 2.21
C GLN C 15 -19.32 6.23 1.58
N MET C 16 -19.85 6.06 0.36
CA MET C 16 -19.93 4.74 -0.31
C MET C 16 -18.51 4.21 -0.59
N ASN C 17 -17.55 5.09 -0.92
CA ASN C 17 -16.12 4.73 -0.91
C ASN C 17 -15.71 4.36 0.52
N ALA C 18 -15.82 5.31 1.45
CA ALA C 18 -15.40 5.17 2.87
C ALA C 18 -15.79 3.79 3.38
N ILE C 19 -17.08 3.46 3.28
CA ILE C 19 -17.63 2.12 3.66
C ILE C 19 -16.68 1.06 3.08
N ILE C 20 -16.55 1.01 1.75
CA ILE C 20 -15.91 -0.11 1.00
C ILE C 20 -14.42 -0.16 1.37
N ASP C 21 -13.73 0.99 1.36
CA ASP C 21 -12.28 1.10 1.71
C ASP C 21 -12.04 0.32 3.01
N THR C 22 -12.86 0.61 4.02
CA THR C 22 -12.84 0.01 5.38
C THR C 22 -12.92 -1.51 5.27
N VAL C 23 -14.06 -2.01 4.73
CA VAL C 23 -14.42 -3.47 4.61
C VAL C 23 -13.24 -4.24 4.03
N ILE C 24 -12.79 -3.83 2.85
CA ILE C 24 -11.63 -4.45 2.14
C ILE C 24 -10.55 -4.70 3.20
N ASN C 25 -10.14 -3.63 3.88
CA ASN C 25 -8.93 -3.65 4.77
C ASN C 25 -9.21 -4.39 6.07
N TYR C 26 -10.43 -4.88 6.30
CA TYR C 26 -10.75 -5.59 7.57
C TYR C 26 -9.99 -6.94 7.62
N LYS C 27 -9.26 -7.08 8.73
CA LYS C 27 -8.39 -8.23 9.09
C LYS C 27 -8.87 -8.80 10.43
N ASP C 28 -9.04 -10.12 10.48
CA ASP C 28 -9.53 -10.89 11.66
C ASP C 28 -8.50 -10.77 12.79
N SER C 29 -8.62 -11.61 13.82
CA SER C 29 -7.73 -11.69 15.01
C SER C 29 -6.29 -12.05 14.60
N SER C 30 -6.14 -12.76 13.48
CA SER C 30 -4.83 -13.19 12.92
C SER C 30 -4.29 -12.10 12.00
N GLY C 31 -4.97 -10.96 11.95
CA GLY C 31 -4.65 -9.84 11.05
C GLY C 31 -4.72 -10.26 9.60
N ARG C 32 -5.54 -11.27 9.29
CA ARG C 32 -5.74 -11.81 7.91
C ARG C 32 -6.89 -11.02 7.27
N GLN C 33 -6.55 -10.10 6.36
CA GLN C 33 -7.51 -9.45 5.43
C GLN C 33 -8.28 -10.53 4.68
N LEU C 34 -9.60 -10.54 4.81
CA LEU C 34 -10.46 -11.64 4.29
C LEU C 34 -11.04 -11.25 2.92
N SER C 35 -10.89 -9.98 2.51
CA SER C 35 -11.25 -9.45 1.15
C SER C 35 -10.44 -10.16 0.07
N GLU C 36 -9.16 -10.38 0.33
CA GLU C 36 -8.19 -11.13 -0.51
C GLU C 36 -8.87 -11.84 -1.69
N VAL C 37 -9.58 -12.94 -1.44
CA VAL C 37 -10.07 -13.88 -2.49
C VAL C 37 -11.26 -13.26 -3.21
N PHE C 38 -11.86 -12.20 -2.66
CA PHE C 38 -13.11 -11.57 -3.17
C PHE C 38 -12.82 -10.34 -4.04
N ILE C 39 -11.54 -9.95 -4.19
CA ILE C 39 -11.15 -8.79 -5.04
C ILE C 39 -11.42 -9.17 -6.50
N GLN C 40 -10.74 -10.18 -7.02
CA GLN C 40 -10.74 -10.56 -8.45
C GLN C 40 -11.25 -12.00 -8.63
N LEU C 41 -12.39 -12.16 -9.30
CA LEU C 41 -13.04 -13.48 -9.54
C LEU C 41 -12.02 -14.41 -10.17
N PRO C 42 -12.25 -15.74 -10.09
CA PRO C 42 -11.62 -16.67 -11.01
C PRO C 42 -12.22 -16.50 -12.41
N SER C 43 -11.35 -16.52 -13.42
CA SER C 43 -11.74 -16.57 -14.86
C SER C 43 -12.83 -17.62 -15.05
N ARG C 44 -13.62 -17.50 -16.11
CA ARG C 44 -14.63 -18.52 -16.53
C ARG C 44 -13.91 -19.81 -16.91
N LYS C 45 -12.70 -19.69 -17.45
CA LYS C 45 -11.83 -20.83 -17.84
C LYS C 45 -11.35 -21.50 -16.55
N GLU C 46 -10.76 -20.70 -15.65
CA GLU C 46 -10.31 -21.12 -14.30
C GLU C 46 -11.35 -22.07 -13.69
N LEU C 47 -12.52 -21.54 -13.31
CA LEU C 47 -13.57 -22.27 -12.55
C LEU C 47 -14.91 -22.12 -13.27
N PRO C 48 -15.13 -22.86 -14.39
CA PRO C 48 -16.42 -22.85 -15.07
C PRO C 48 -17.58 -23.12 -14.10
N GLU C 49 -17.36 -24.01 -13.14
CA GLU C 49 -18.42 -24.59 -12.27
C GLU C 49 -19.14 -23.44 -11.53
N TYR C 50 -18.43 -22.38 -11.14
CA TYR C 50 -19.03 -21.17 -10.49
C TYR C 50 -20.23 -20.70 -11.33
N TYR C 51 -19.95 -20.42 -12.60
CA TYR C 51 -20.87 -19.77 -13.56
C TYR C 51 -21.87 -20.81 -14.09
N GLU C 52 -21.61 -22.10 -13.84
CA GLU C 52 -22.51 -23.22 -14.21
C GLU C 52 -23.61 -23.36 -13.14
N LEU C 53 -23.65 -22.44 -12.16
CA LEU C 53 -24.66 -22.48 -11.08
C LEU C 53 -24.65 -21.21 -10.21
N ILE C 54 -24.30 -20.05 -10.76
CA ILE C 54 -24.51 -18.71 -10.13
C ILE C 54 -25.14 -17.78 -11.17
N ARG C 55 -26.33 -17.26 -10.86
CA ARG C 55 -27.20 -16.51 -11.82
C ARG C 55 -26.43 -15.28 -12.33
N LYS C 56 -26.18 -14.31 -11.44
CA LYS C 56 -25.62 -12.97 -11.75
C LYS C 56 -24.39 -12.76 -10.89
N PRO C 57 -23.26 -13.42 -11.23
CA PRO C 57 -22.03 -13.27 -10.44
C PRO C 57 -21.61 -11.79 -10.34
N VAL C 58 -20.63 -11.50 -9.48
CA VAL C 58 -20.06 -10.14 -9.26
C VAL C 58 -18.78 -10.25 -8.41
N ASP C 59 -17.77 -9.43 -8.74
CA ASP C 59 -16.41 -9.44 -8.14
C ASP C 59 -16.40 -8.56 -6.89
N PHE C 60 -15.25 -7.96 -6.58
CA PHE C 60 -15.12 -6.69 -5.84
C PHE C 60 -14.83 -5.55 -6.83
N LYS C 61 -13.94 -5.80 -7.80
CA LYS C 61 -13.58 -4.84 -8.87
C LYS C 61 -14.84 -4.11 -9.35
N LYS C 62 -15.87 -4.86 -9.75
CA LYS C 62 -17.13 -4.32 -10.35
C LYS C 62 -17.84 -3.37 -9.37
N ILE C 63 -17.68 -3.57 -8.06
CA ILE C 63 -18.31 -2.75 -6.98
C ILE C 63 -17.80 -1.31 -7.12
N LYS C 64 -16.49 -1.17 -7.22
CA LYS C 64 -15.75 0.12 -7.26
C LYS C 64 -16.01 0.79 -8.62
N GLU C 65 -16.20 -0.02 -9.67
CA GLU C 65 -16.66 0.39 -11.01
C GLU C 65 -18.02 1.07 -10.84
N ARG C 66 -19.00 0.32 -10.34
CA ARG C 66 -20.39 0.80 -10.07
C ARG C 66 -20.35 2.05 -9.20
N ILE C 67 -19.34 2.18 -8.33
CA ILE C 67 -19.06 3.44 -7.57
C ILE C 67 -18.53 4.47 -8.55
N ARG C 68 -17.30 4.28 -9.04
CA ARG C 68 -16.57 5.27 -9.87
C ARG C 68 -17.44 5.75 -11.04
N ASN C 69 -18.29 4.88 -11.59
CA ASN C 69 -19.17 5.15 -12.76
C ASN C 69 -20.64 5.27 -12.32
N HIS C 70 -20.86 5.66 -11.05
CA HIS C 70 -22.08 6.31 -10.51
C HIS C 70 -23.38 5.58 -10.93
N LYS C 71 -23.53 4.31 -10.52
CA LYS C 71 -24.72 3.44 -10.77
C LYS C 71 -25.55 3.28 -9.48
N TYR C 72 -24.88 3.21 -8.33
CA TYR C 72 -25.48 3.12 -6.97
C TYR C 72 -26.06 4.49 -6.58
N ARG C 73 -27.39 4.58 -6.46
CA ARG C 73 -28.11 5.84 -6.13
C ARG C 73 -27.90 6.13 -4.64
N SER C 74 -28.45 5.24 -3.79
CA SER C 74 -28.46 5.32 -2.30
C SER C 74 -27.56 4.20 -1.74
N LEU C 75 -27.47 4.11 -0.41
CA LEU C 75 -26.78 2.98 0.27
C LEU C 75 -27.46 1.66 -0.12
N GLY C 76 -28.79 1.59 0.03
CA GLY C 76 -29.63 0.40 -0.23
C GLY C 76 -29.28 -0.29 -1.55
N ASP C 77 -28.87 0.48 -2.57
CA ASP C 77 -28.35 -0.04 -3.87
C ASP C 77 -27.07 -0.85 -3.62
N LEU C 78 -26.06 -0.21 -3.04
CA LEU C 78 -24.72 -0.81 -2.78
C LEU C 78 -24.89 -2.16 -2.08
N GLU C 79 -25.33 -2.14 -0.81
CA GLU C 79 -25.49 -3.32 0.09
C GLU C 79 -25.99 -4.53 -0.71
N LYS C 80 -27.02 -4.32 -1.53
CA LYS C 80 -27.65 -5.36 -2.40
C LYS C 80 -26.53 -6.06 -3.19
N ASP C 81 -25.65 -5.31 -3.85
CA ASP C 81 -24.46 -5.88 -4.53
C ASP C 81 -23.62 -6.61 -3.48
N VAL C 82 -23.31 -5.90 -2.39
CA VAL C 82 -22.38 -6.36 -1.32
C VAL C 82 -22.84 -7.72 -0.80
N MET C 83 -24.03 -7.75 -0.20
CA MET C 83 -24.62 -8.94 0.45
C MET C 83 -24.69 -10.09 -0.57
N LEU C 84 -25.13 -9.79 -1.80
CA LEU C 84 -25.16 -10.75 -2.94
C LEU C 84 -23.85 -11.54 -2.98
N LEU C 85 -22.72 -10.87 -3.26
CA LEU C 85 -21.39 -11.52 -3.27
C LEU C 85 -21.42 -12.65 -2.23
N CYS C 86 -21.51 -12.30 -0.95
CA CYS C 86 -21.54 -13.26 0.17
C CYS C 86 -22.55 -14.35 -0.18
N HIS C 87 -23.79 -13.96 -0.49
CA HIS C 87 -24.90 -14.88 -0.88
C HIS C 87 -24.35 -15.91 -1.86
N ASN C 88 -23.66 -15.44 -2.92
CA ASN C 88 -22.94 -16.29 -3.91
C ASN C 88 -21.88 -17.12 -3.19
N ALA C 89 -20.89 -16.45 -2.58
CA ALA C 89 -19.71 -17.06 -1.92
C ALA C 89 -20.16 -18.15 -0.96
N GLN C 90 -21.27 -17.90 -0.27
CA GLN C 90 -21.95 -18.85 0.65
C GLN C 90 -22.64 -19.93 -0.18
N THR C 91 -23.46 -19.51 -1.15
CA THR C 91 -24.19 -20.38 -2.11
C THR C 91 -23.21 -21.39 -2.72
N PHE C 92 -22.05 -20.92 -3.20
CA PHE C 92 -21.03 -21.74 -3.90
C PHE C 92 -20.24 -22.56 -2.87
N ASN C 93 -19.43 -21.89 -2.06
CA ASN C 93 -18.47 -22.57 -1.15
C ASN C 93 -19.24 -23.34 -0.08
N LEU C 94 -18.53 -24.22 0.63
CA LEU C 94 -19.07 -25.17 1.65
C LEU C 94 -19.12 -24.49 3.02
N GLU C 95 -20.13 -24.86 3.82
CA GLU C 95 -20.29 -24.46 5.24
C GLU C 95 -18.97 -24.80 5.96
N GLY C 96 -18.48 -23.90 6.82
CA GLY C 96 -17.24 -24.13 7.58
C GLY C 96 -16.00 -23.87 6.75
N SER C 97 -16.01 -24.24 5.45
CA SER C 97 -14.94 -23.91 4.48
C SER C 97 -14.60 -22.42 4.62
N GLN C 98 -13.37 -22.13 5.05
CA GLN C 98 -12.84 -20.76 5.32
C GLN C 98 -13.68 -19.70 4.60
N ILE C 99 -13.66 -19.68 3.26
CA ILE C 99 -14.33 -18.66 2.40
C ILE C 99 -15.73 -18.36 2.95
N TYR C 100 -16.57 -19.38 3.07
CA TYR C 100 -17.95 -19.30 3.63
C TYR C 100 -17.93 -18.37 4.85
N GLU C 101 -17.11 -18.72 5.85
CA GLU C 101 -17.04 -18.01 7.16
C GLU C 101 -16.67 -16.55 6.90
N ASP C 102 -15.54 -16.35 6.23
CA ASP C 102 -15.08 -15.02 5.74
C ASP C 102 -16.27 -14.27 5.15
N SER C 103 -16.93 -14.85 4.13
CA SER C 103 -18.09 -14.26 3.40
C SER C 103 -19.12 -13.69 4.37
N ILE C 104 -19.45 -14.47 5.40
CA ILE C 104 -20.40 -14.07 6.47
C ILE C 104 -19.72 -12.95 7.27
N VAL C 105 -18.58 -13.27 7.88
CA VAL C 105 -17.75 -12.30 8.65
C VAL C 105 -17.90 -10.92 7.99
N LEU C 106 -17.66 -10.85 6.68
CA LEU C 106 -17.72 -9.62 5.88
C LEU C 106 -19.12 -9.01 6.02
N GLN C 107 -20.15 -9.67 5.48
CA GLN C 107 -21.55 -9.18 5.50
C GLN C 107 -21.68 -8.15 6.63
N SER C 108 -21.50 -8.61 7.88
CA SER C 108 -21.65 -7.81 9.12
C SER C 108 -20.72 -6.59 9.10
N VAL C 109 -19.43 -6.81 8.82
CA VAL C 109 -18.40 -5.73 8.84
C VAL C 109 -18.95 -4.54 8.04
N PHE C 110 -19.49 -4.78 6.84
CA PHE C 110 -20.22 -3.76 6.03
C PHE C 110 -21.30 -3.14 6.91
N LYS C 111 -22.17 -4.00 7.46
CA LYS C 111 -23.37 -3.61 8.24
C LYS C 111 -22.97 -2.54 9.27
N SER C 112 -21.91 -2.78 10.06
CA SER C 112 -21.36 -1.82 11.06
C SER C 112 -20.87 -0.57 10.33
N ALA C 113 -20.09 -0.73 9.26
CA ALA C 113 -19.48 0.36 8.45
C ALA C 113 -20.57 1.28 7.89
N ARG C 114 -21.70 0.70 7.47
CA ARG C 114 -22.90 1.43 6.97
C ARG C 114 -23.56 2.17 8.14
N GLN C 115 -23.92 1.44 9.19
CA GLN C 115 -24.65 1.96 10.38
C GLN C 115 -23.80 3.00 11.09
N LYS C 116 -22.52 2.69 11.30
CA LYS C 116 -21.53 3.59 11.96
C LYS C 116 -21.50 4.93 11.21
N ILE C 117 -21.48 4.88 9.87
CA ILE C 117 -21.55 6.04 8.95
C ILE C 117 -22.96 6.66 9.04
N ALA C 118 -23.21 7.46 10.07
CA ALA C 118 -24.51 8.14 10.35
C ALA C 118 -24.46 9.58 9.84
N LYS C 119 -24.48 9.74 8.51
CA LYS C 119 -24.53 11.04 7.79
C LYS C 119 -23.13 11.68 7.80
#